data_2H6O
#
_entry.id   2H6O
#
_cell.length_a   110.009
_cell.length_b   110.009
_cell.length_c   146.129
_cell.angle_alpha   90.00
_cell.angle_beta   90.00
_cell.angle_gamma   120.00
#
_symmetry.space_group_name_H-M   'P 32 2 1'
#
loop_
_entity.id
_entity.type
_entity.pdbx_description
1 polymer 'Major outer envelope glycoprotein gp350'
2 branched beta-D-mannopyranose-(1-3)-[alpha-D-mannopyranose-(1-6)]alpha-D-mannopyranose-(1-6)-[alpha-D-mannopyranose-(1-3)]alpha-D-mannopyranose-(1-4)-2-acetamido-2-deoxy-beta-D-glucopyranose-(1-4)-2-acetamido-2-deoxy-beta-D-glucopyranose
3 branched alpha-D-mannopyranose-(1-2)-alpha-D-mannopyranose-(1-3)-[alpha-D-mannopyranose-(1-6)-beta-D-mannopyranose-(1-6)]alpha-D-mannopyranose-(1-4)-2-acetamido-2-deoxy-beta-D-glucopyranose-(1-4)-2-acetamido-2-deoxy-beta-D-glucopyranose
4 branched alpha-D-mannopyranose-(1-2)-alpha-D-mannopyranose-(1-3)-[alpha-D-mannopyranose-(1-2)-alpha-D-mannopyranose-(1-6)]alpha-D-mannopyranose-(1-6)-alpha-D-mannopyranose-(1-4)-2-acetamido-2-deoxy-beta-D-glucopyranose-(1-4)-2-acetamido-2-deoxy-alpha-D-glucopyranose
5 branched alpha-D-mannopyranose-(1-2)-alpha-D-mannopyranose-(1-3)-[alpha-D-mannopyranose-(1-6)]alpha-D-mannopyranose-(1-6)-[alpha-D-mannopyranose-(1-2)-alpha-D-mannopyranose-(1-3)]beta-D-mannopyranose-(1-4)-2-acetamido-2-deoxy-beta-D-glucopyranose-(1-4)-2-acetamido-2-deoxy-beta-D-glucopyranose
6 branched beta-D-galactopyranose-(1-3)-beta-D-galactopyranose-(1-3)-alpha-D-mannopyranose-(1-2)-alpha-D-mannopyranose-(1-2)-alpha-D-mannopyranose-(1-3)-[alpha-D-mannopyranose-(1-3)-alpha-D-mannopyranose-(1-6)]alpha-D-mannopyranose-(1-3)-2-acetamido-2-deoxy-beta-D-glucopyranose-(1-3)-2-acetamido-2-deoxy-beta-D-glucopyranose
7 branched beta-D-galactopyranose-(1-3)-beta-D-galactopyranose-(1-3)-alpha-D-mannopyranose-(1-2)-alpha-D-mannopyranose-(1-2)-alpha-D-mannopyranose-(1-3)-[alpha-D-mannopyranose-(1-6)]alpha-D-mannopyranose-(1-4)-2-acetamido-2-deoxy-beta-D-glucopyranose-(1-4)-2-acetamido-2-deoxy-beta-D-glucopyranose
8 branched beta-D-galactopyranose-(1-3)-beta-D-galactopyranose-(1-3)-alpha-D-mannopyranose-(1-2)-alpha-D-mannopyranose-(1-2)-alpha-D-mannopyranose-(1-3)-[alpha-D-mannopyranose-(1-3)-[alpha-D-mannopyranose-(1-6)]beta-D-mannopyranose-(1-6)]alpha-D-mannopyranose-(1-4)-2-acetamido-2-deoxy-beta-D-glucopyranose-(1-4)-2-acetamido-2-deoxy-beta-D-glucopyranose
9 branched alpha-D-mannopyranose-(1-3)-2-acetamido-2-deoxy-beta-D-glucopyranose-(1-3)-2-acetamido-2-deoxy-beta-D-glucopyranose
10 branched alpha-D-mannopyranose-(1-3)-[alpha-D-mannopyranose-(1-6)]alpha-D-mannopyranose-(1-3)-2-acetamido-2-deoxy-beta-D-glucopyranose-(1-4)-2-acetamido-2-deoxy-beta-D-glucopyranose
11 branched alpha-D-mannopyranose-(1-2)-alpha-D-mannopyranose-(1-3)-[alpha-D-mannopyranose-(1-3)-[beta-D-mannopyranose-(1-6)]alpha-D-mannopyranose-(1-6)]alpha-D-mannopyranose-(1-3)-2-acetamido-2-deoxy-beta-D-glucopyranose-(1-4)-2-acetamido-2-deoxy-beta-D-glucopyranose
12 branched 2-acetamido-2-deoxy-beta-D-glucopyranose-(1-2)-alpha-D-mannopyranose-(1-3)-[alpha-D-mannopyranose-(1-3)-[alpha-D-mannopyranose-(1-6)]alpha-D-mannopyranose-(1-6)]alpha-D-mannopyranose-(1-3)-2-acetamido-2-deoxy-alpha-D-glucopyranose-(1-4)-[alpha-L-fucopyranose-(1-6)]2-acetamido-2-deoxy-beta-D-glucopyranose
13 branched alpha-D-mannopyranose-(1-3)-2-acetamido-2-deoxy-beta-D-glucopyranose-(1-2)-alpha-D-mannopyranose-(1-3)-[beta-D-mannopyranose-(1-3)-[alpha-D-mannopyranose-(1-6)]alpha-D-mannopyranose-(1-6)]alpha-D-mannopyranose-(1-3)-2-acetamido-2-deoxy-alpha-D-glucopyranose-(1-4)-[alpha-L-fucopyranose-(1-6)]2-acetamido-2-deoxy-beta-D-glucopyranose
14 branched alpha-D-mannopyranose-(1-4)-2-acetamido-2-deoxy-beta-D-glucopyranose-(1-3)-2-acetamido-2-deoxy-beta-D-glucopyranose
15 branched 2-acetamido-2-deoxy-beta-D-glucopyranose-(1-4)-2-acetamido-2-deoxy-beta-D-glucopyranose
#
_entity_poly.entity_id   1
_entity_poly.type   'polypeptide(L)'
_entity_poly.pdbx_seq_one_letter_code
;MEAALLVCQYTIQSLIQLTRDDPGFFNVEILEFPFYPACNVCTADVNATINFDVGGKKHKLNLDFGLLTPHTKAVYQPRG
AFGGSENATNLFLLELLGAGELALTMRSKKLPINITAGEEQQVSLESVDVYFQDVFGTMWCHHAEMQNPVYLIPETVPYI
KWDNCNSTNITAVVRAQGLDVTLPLSLPTSAQDSNFSVKTEMLGNEIDIECIMEDGEISQVLPGDNKFNITCSGYESHVP
SGGILTSTSPVATPIPGTGYAYSLRLTPRPVSRFLGNNSILYVFYSGNGPKASGGDYCIQSNIVFSDEIPASQDMPTNTT
DITYVGDNATYSVPMVTSEDANSPNVTVTAFWAWPNNTETDFKCKWTLTSGTPSGCENISGAFASNRTFDITVSGLGTAP
KTLIITRTATNATTTTHKVIFSKAPESTTTSPTLNTTGFAAPNTTTGLPSSTHVPTNLTAPTSTGPTVST
;
_entity_poly.pdbx_strand_id   A
#
# COMPACT_ATOMS: atom_id res chain seq x y z
N ALA A 4 -28.06 12.20 -3.89
CA ALA A 4 -28.02 10.89 -4.59
C ALA A 4 -26.70 10.14 -4.34
N LEU A 5 -26.80 8.99 -3.68
CA LEU A 5 -25.64 8.16 -3.34
C LEU A 5 -24.99 7.31 -4.45
N LEU A 6 -23.68 7.09 -4.26
CA LEU A 6 -22.79 6.33 -5.15
C LEU A 6 -23.28 5.02 -5.78
N VAL A 7 -22.73 4.71 -6.94
CA VAL A 7 -23.09 3.49 -7.66
C VAL A 7 -21.93 2.49 -7.59
N CYS A 8 -20.74 2.98 -7.91
CA CYS A 8 -19.48 2.22 -7.95
C CYS A 8 -19.45 0.79 -8.40
N GLN A 9 -18.99 0.62 -9.62
CA GLN A 9 -18.82 -0.70 -10.18
C GLN A 9 -17.52 -1.09 -9.55
N TYR A 10 -17.36 -2.37 -9.21
CA TYR A 10 -16.12 -2.87 -8.59
C TYR A 10 -16.00 -2.52 -7.12
N THR A 11 -16.49 -3.42 -6.27
CA THR A 11 -16.46 -3.21 -4.83
C THR A 11 -15.64 -4.30 -4.17
N ILE A 12 -14.79 -3.94 -3.21
CA ILE A 12 -13.94 -4.92 -2.55
C ILE A 12 -14.21 -5.17 -1.08
N GLN A 13 -14.47 -6.42 -0.70
CA GLN A 13 -14.73 -6.73 0.71
C GLN A 13 -13.41 -6.90 1.46
N SER A 14 -13.42 -6.67 2.77
CA SER A 14 -12.21 -6.77 3.58
C SER A 14 -12.47 -6.89 5.08
N LEU A 15 -12.09 -8.04 5.64
CA LEU A 15 -12.26 -8.33 7.07
C LEU A 15 -11.09 -7.82 7.87
N ILE A 16 -11.37 -7.26 9.05
CA ILE A 16 -10.31 -6.73 9.90
C ILE A 16 -10.62 -7.05 11.35
N GLN A 17 -9.58 -7.23 12.14
CA GLN A 17 -9.77 -7.47 13.57
C GLN A 17 -8.58 -6.91 14.34
N LEU A 18 -8.76 -6.72 15.62
CA LEU A 18 -7.71 -6.15 16.45
C LEU A 18 -6.88 -7.19 17.22
N THR A 19 -5.56 -7.07 17.14
CA THR A 19 -4.65 -7.97 17.84
C THR A 19 -4.07 -7.26 19.07
N ARG A 20 -4.34 -7.80 20.26
CA ARG A 20 -3.96 -7.23 21.58
C ARG A 20 -4.64 -5.89 21.75
N ASP A 21 -4.40 -5.16 22.83
CA ASP A 21 -5.09 -3.89 22.83
C ASP A 21 -4.27 -3.01 21.93
N ASP A 22 -4.95 -2.03 21.33
CA ASP A 22 -4.39 -1.07 20.38
C ASP A 22 -3.53 0.03 20.94
N PRO A 23 -2.78 0.71 20.07
CA PRO A 23 -1.88 1.81 20.38
C PRO A 23 -2.77 3.00 20.12
N GLY A 24 -3.98 2.67 19.67
CA GLY A 24 -4.98 3.66 19.39
C GLY A 24 -4.86 4.43 18.09
N PHE A 25 -4.56 3.76 16.97
CA PHE A 25 -4.54 4.48 15.70
C PHE A 25 -5.87 4.05 15.16
N PHE A 26 -5.83 2.78 14.77
CA PHE A 26 -6.85 1.99 14.11
C PHE A 26 -6.44 2.26 12.66
N ASN A 27 -6.06 1.21 11.95
CA ASN A 27 -5.54 1.39 10.61
C ASN A 27 -6.12 0.43 9.58
N VAL A 28 -6.47 0.96 8.42
CA VAL A 28 -7.03 0.15 7.33
C VAL A 28 -6.25 0.36 6.05
N GLU A 29 -5.65 -0.69 5.49
CA GLU A 29 -4.88 -0.55 4.26
C GLU A 29 -5.61 -1.17 3.07
N ILE A 30 -5.36 -0.67 1.87
CA ILE A 30 -6.10 -1.18 0.73
C ILE A 30 -5.35 -1.52 -0.53
N LEU A 31 -4.75 -2.70 -0.59
CA LEU A 31 -4.07 -3.07 -1.81
C LEU A 31 -5.31 -3.31 -2.66
N GLU A 32 -5.57 -2.41 -3.60
CA GLU A 32 -6.73 -2.59 -4.45
C GLU A 32 -7.07 -1.51 -5.46
N PHE A 33 -6.78 -0.25 -5.18
CA PHE A 33 -7.15 0.81 -6.14
C PHE A 33 -6.21 0.98 -7.31
N PRO A 34 -6.70 1.59 -8.39
CA PRO A 34 -5.85 1.80 -9.56
C PRO A 34 -4.98 3.06 -9.57
N PHE A 35 -3.67 2.85 -9.68
CA PHE A 35 -2.72 3.94 -9.76
C PHE A 35 -2.03 3.63 -11.07
N TYR A 36 -2.40 4.36 -12.11
CA TYR A 36 -1.84 4.13 -13.43
C TYR A 36 -0.37 4.38 -13.65
N PRO A 37 0.31 3.43 -14.29
CA PRO A 37 1.73 3.54 -14.59
C PRO A 37 1.95 4.55 -15.70
N ALA A 38 3.14 5.14 -15.75
CA ALA A 38 3.47 6.12 -16.79
C ALA A 38 2.41 7.22 -16.91
N CYS A 39 1.75 7.53 -15.80
CA CYS A 39 0.75 8.60 -15.78
C CYS A 39 1.05 9.56 -14.65
N ASN A 40 1.44 10.78 -15.01
CA ASN A 40 1.78 11.78 -14.01
C ASN A 40 0.65 12.76 -13.72
N VAL A 41 -0.38 12.77 -14.55
CA VAL A 41 -1.49 13.69 -14.36
C VAL A 41 -2.67 13.06 -13.65
N CYS A 42 -2.60 11.75 -13.48
CA CYS A 42 -3.65 10.96 -12.86
C CYS A 42 -4.15 11.32 -11.45
N THR A 43 -5.15 12.17 -11.36
CA THR A 43 -5.68 12.49 -10.04
C THR A 43 -6.57 11.32 -9.66
N ALA A 44 -7.09 11.35 -8.43
CA ALA A 44 -7.97 10.31 -7.93
C ALA A 44 -8.91 10.99 -6.97
N ASP A 45 -10.20 10.67 -7.01
CA ASP A 45 -11.14 11.34 -6.13
C ASP A 45 -11.55 10.47 -4.96
N VAL A 46 -10.84 10.58 -3.86
CA VAL A 46 -11.15 9.79 -2.67
C VAL A 46 -12.21 10.43 -1.77
N ASN A 47 -13.09 9.60 -1.21
CA ASN A 47 -14.18 10.04 -0.32
C ASN A 47 -14.44 8.87 0.64
N ALA A 48 -14.04 8.95 1.91
CA ALA A 48 -14.27 7.85 2.86
C ALA A 48 -15.56 8.00 3.66
N THR A 49 -15.96 6.96 4.39
CA THR A 49 -17.19 6.98 5.21
C THR A 49 -17.22 5.88 6.27
N ILE A 50 -17.06 6.27 7.54
CA ILE A 50 -17.04 5.31 8.63
C ILE A 50 -18.42 5.10 9.23
N ASN A 51 -18.79 3.84 9.43
CA ASN A 51 -20.08 3.54 10.00
C ASN A 51 -19.91 3.14 11.45
N PHE A 52 -20.15 4.07 12.37
CA PHE A 52 -20.01 3.76 13.77
C PHE A 52 -21.28 3.17 14.36
N ASP A 53 -21.24 3.01 15.68
CA ASP A 53 -22.32 2.45 16.47
C ASP A 53 -22.23 2.97 17.90
N VAL A 54 -23.29 3.63 18.34
CA VAL A 54 -23.39 4.19 19.69
C VAL A 54 -24.69 3.60 20.23
N GLY A 55 -24.60 2.76 21.25
CA GLY A 55 -25.81 2.11 21.72
C GLY A 55 -26.26 1.31 20.51
N GLY A 56 -27.55 1.02 20.37
CA GLY A 56 -27.93 0.27 19.20
C GLY A 56 -27.87 1.16 17.96
N LYS A 57 -27.71 2.45 18.19
CA LYS A 57 -27.70 3.43 17.10
C LYS A 57 -26.52 3.52 16.13
N LYS A 58 -26.81 3.28 14.84
CA LYS A 58 -25.81 3.31 13.76
C LYS A 58 -25.63 4.73 13.22
N HIS A 59 -24.43 5.29 13.36
CA HIS A 59 -24.19 6.64 12.89
C HIS A 59 -23.08 6.81 11.87
N LYS A 60 -23.48 7.37 10.72
CA LYS A 60 -22.60 7.63 9.60
C LYS A 60 -21.62 8.75 9.91
N LEU A 61 -20.66 8.93 9.01
CA LEU A 61 -19.63 9.97 9.08
C LEU A 61 -18.91 9.99 7.74
N ASN A 62 -19.22 10.96 6.90
CA ASN A 62 -18.62 11.08 5.59
C ASN A 62 -17.45 12.04 5.65
N LEU A 63 -16.28 11.59 5.23
CA LEU A 63 -15.10 12.45 5.21
C LEU A 63 -14.82 12.74 3.75
N ASP A 64 -14.28 13.93 3.50
CA ASP A 64 -13.99 14.37 2.13
C ASP A 64 -12.51 14.57 1.98
N PHE A 65 -11.85 13.66 1.27
CA PHE A 65 -10.42 13.80 1.07
C PHE A 65 -10.15 14.55 -0.23
N GLY A 66 -11.21 14.83 -0.98
CA GLY A 66 -11.05 15.56 -2.21
C GLY A 66 -10.33 14.81 -3.29
N LEU A 67 -9.29 15.41 -3.86
CA LEU A 67 -8.54 14.79 -4.94
C LEU A 67 -7.12 14.43 -4.54
N LEU A 68 -6.67 13.26 -5.00
CA LEU A 68 -5.33 12.77 -4.73
C LEU A 68 -4.39 13.16 -5.87
N THR A 69 -3.14 13.45 -5.51
CA THR A 69 -2.10 13.87 -6.48
C THR A 69 -0.83 13.05 -6.21
N PRO A 70 -0.91 11.73 -6.40
CA PRO A 70 0.14 10.72 -6.22
C PRO A 70 1.55 11.14 -6.63
N HIS A 71 1.67 12.04 -7.61
CA HIS A 71 3.01 12.45 -8.02
C HIS A 71 3.50 13.65 -7.20
N THR A 72 2.71 14.06 -6.21
CA THR A 72 3.09 15.22 -5.40
C THR A 72 2.96 14.98 -3.90
N LYS A 73 1.74 14.71 -3.47
CA LYS A 73 1.41 14.49 -2.07
C LYS A 73 1.40 13.00 -1.69
N ALA A 74 1.99 12.66 -0.55
CA ALA A 74 2.03 11.28 -0.09
C ALA A 74 1.00 11.10 1.01
N VAL A 75 0.97 12.02 1.96
CA VAL A 75 0.02 11.95 3.05
C VAL A 75 -1.09 12.93 2.82
N TYR A 76 -2.29 12.59 3.27
CA TYR A 76 -3.43 13.48 3.10
C TYR A 76 -4.28 13.53 4.36
N GLN A 77 -5.04 14.62 4.51
CA GLN A 77 -5.96 14.81 5.63
C GLN A 77 -7.30 15.18 5.02
N PRO A 78 -8.39 14.77 5.65
CA PRO A 78 -9.63 15.17 5.00
C PRO A 78 -9.71 16.68 5.02
N ARG A 79 -10.31 17.27 3.99
CA ARG A 79 -10.48 18.71 3.98
C ARG A 79 -11.98 18.80 4.22
N GLY A 80 -12.36 18.78 5.50
CA GLY A 80 -13.76 18.85 5.90
C GLY A 80 -14.44 17.49 6.11
N ALA A 81 -15.48 17.43 6.96
CA ALA A 81 -16.18 16.16 7.22
C ALA A 81 -17.59 16.29 7.79
N PHE A 82 -18.60 15.96 7.00
CA PHE A 82 -19.99 16.04 7.43
C PHE A 82 -20.45 14.87 8.29
N GLY A 83 -21.01 15.16 9.47
CA GLY A 83 -21.49 14.10 10.32
C GLY A 83 -20.72 13.81 11.59
N GLY A 84 -19.66 14.57 11.86
CA GLY A 84 -18.89 14.32 13.07
C GLY A 84 -18.53 15.56 13.86
N SER A 85 -17.82 15.37 14.97
CA SER A 85 -17.40 16.45 15.85
C SER A 85 -16.54 17.46 15.09
N GLU A 86 -15.77 18.25 15.84
CA GLU A 86 -14.88 19.18 15.17
C GLU A 86 -13.47 18.97 15.66
N ASN A 87 -12.51 19.55 14.95
CA ASN A 87 -11.12 19.35 15.29
C ASN A 87 -11.02 17.85 15.01
N ALA A 88 -11.97 17.38 14.19
CA ALA A 88 -12.04 15.97 13.81
C ALA A 88 -11.33 15.81 12.48
N THR A 89 -11.10 16.96 11.84
CA THR A 89 -10.45 16.99 10.55
C THR A 89 -9.05 16.39 10.64
N ASN A 90 -8.41 16.47 11.80
CA ASN A 90 -7.09 15.88 11.85
C ASN A 90 -7.08 14.71 12.83
N LEU A 91 -8.17 13.96 12.78
CA LEU A 91 -8.33 12.77 13.59
C LEU A 91 -8.07 11.61 12.64
N PHE A 92 -8.30 11.85 11.36
CA PHE A 92 -8.10 10.86 10.32
C PHE A 92 -6.85 11.18 9.52
N LEU A 93 -6.39 10.20 8.74
CA LEU A 93 -5.18 10.36 7.95
C LEU A 93 -5.11 9.31 6.87
N LEU A 94 -5.06 9.73 5.61
CA LEU A 94 -4.95 8.79 4.47
C LEU A 94 -3.56 8.92 3.89
N GLU A 95 -2.78 7.85 3.96
CA GLU A 95 -1.41 7.87 3.48
C GLU A 95 -1.22 6.95 2.31
N LEU A 96 -0.58 7.41 1.24
CA LEU A 96 -0.30 6.54 0.10
C LEU A 96 0.82 5.66 0.63
N LEU A 97 0.95 4.45 0.11
CA LEU A 97 2.00 3.56 0.58
C LEU A 97 2.86 3.06 -0.57
N GLY A 98 3.35 1.84 -0.41
CA GLY A 98 4.19 1.25 -1.42
C GLY A 98 3.58 1.13 -2.81
N ALA A 99 3.63 -0.10 -3.33
CA ALA A 99 3.14 -0.40 -4.66
C ALA A 99 1.62 -0.36 -4.83
N GLY A 100 1.17 0.63 -5.61
CA GLY A 100 -0.25 0.80 -5.88
C GLY A 100 -1.21 0.67 -4.71
N GLU A 101 -0.85 1.18 -3.53
CA GLU A 101 -1.76 1.06 -2.40
C GLU A 101 -1.88 2.12 -1.33
N LEU A 102 -3.04 2.10 -0.67
CA LEU A 102 -3.43 3.04 0.40
C LEU A 102 -3.65 2.42 1.76
N ALA A 103 -3.63 3.30 2.74
CA ALA A 103 -3.85 2.98 4.13
C ALA A 103 -4.56 4.19 4.70
N LEU A 104 -5.49 3.95 5.61
CA LEU A 104 -6.26 5.02 6.22
C LEU A 104 -6.09 4.86 7.72
N THR A 105 -5.73 5.92 8.42
CA THR A 105 -5.55 5.79 9.86
C THR A 105 -6.38 6.81 10.62
N MET A 106 -7.42 6.35 11.31
CA MET A 106 -8.29 7.22 12.10
C MET A 106 -8.03 6.84 13.53
N ARG A 107 -7.53 7.75 14.35
CA ARG A 107 -7.22 7.41 15.72
C ARG A 107 -8.36 7.21 16.67
N SER A 108 -8.17 6.24 17.56
CA SER A 108 -9.13 5.90 18.60
C SER A 108 -8.80 6.92 19.71
N LYS A 109 -9.36 6.76 20.91
CA LYS A 109 -9.05 7.67 22.02
C LYS A 109 -9.16 9.16 21.72
N LYS A 110 -10.19 9.52 20.98
CA LYS A 110 -10.43 10.89 20.61
C LYS A 110 -11.61 10.66 19.69
N LEU A 111 -12.80 10.77 20.25
CA LEU A 111 -14.03 10.51 19.50
C LEU A 111 -14.30 11.46 18.37
N PRO A 112 -14.59 10.92 17.18
CA PRO A 112 -14.87 11.76 16.02
C PRO A 112 -16.38 12.00 15.93
N ILE A 113 -17.11 11.50 16.93
CA ILE A 113 -18.55 11.66 16.96
C ILE A 113 -18.93 12.55 18.14
N ASN A 114 -19.37 13.76 17.86
CA ASN A 114 -19.76 14.64 18.95
C ASN A 114 -21.14 14.21 19.38
N ILE A 115 -21.85 13.61 18.44
CA ILE A 115 -23.21 13.10 18.62
C ILE A 115 -23.36 12.28 19.90
N THR A 116 -22.34 12.32 20.75
CA THR A 116 -22.37 11.57 21.99
C THR A 116 -22.76 12.32 23.26
N ALA A 117 -23.89 11.93 23.85
CA ALA A 117 -24.32 12.54 25.11
C ALA A 117 -23.40 11.85 26.12
N GLY A 118 -23.11 12.50 27.24
CA GLY A 118 -22.23 11.89 28.22
C GLY A 118 -22.63 10.44 28.45
N GLU A 119 -23.93 10.20 28.33
CA GLU A 119 -24.54 8.89 28.48
C GLU A 119 -23.78 7.89 27.61
N GLU A 120 -23.82 8.15 26.31
CA GLU A 120 -23.18 7.31 25.30
C GLU A 120 -21.68 7.51 25.16
N GLN A 121 -20.95 7.31 26.26
CA GLN A 121 -19.50 7.41 26.24
C GLN A 121 -18.94 6.27 25.41
N GLN A 122 -19.65 5.14 25.42
CA GLN A 122 -19.24 3.92 24.67
C GLN A 122 -19.57 3.99 23.17
N VAL A 123 -18.55 4.04 22.32
CA VAL A 123 -18.74 4.10 20.86
C VAL A 123 -18.04 2.93 20.16
N SER A 124 -18.64 2.43 19.08
CA SER A 124 -18.11 1.30 18.28
C SER A 124 -17.82 1.72 16.84
N LEU A 125 -16.88 1.02 16.20
CA LEU A 125 -16.54 1.26 14.80
C LEU A 125 -16.95 0.00 14.07
N GLU A 126 -18.03 0.05 13.30
CA GLU A 126 -18.48 -1.16 12.63
C GLU A 126 -17.78 -1.50 11.32
N SER A 127 -17.73 -0.57 10.37
CA SER A 127 -17.07 -0.82 9.09
C SER A 127 -16.60 0.49 8.47
N VAL A 128 -15.93 0.39 7.33
CA VAL A 128 -15.41 1.58 6.65
C VAL A 128 -15.63 1.55 5.15
N ASP A 129 -16.01 2.67 4.58
CA ASP A 129 -16.18 2.72 3.14
C ASP A 129 -15.23 3.72 2.56
N VAL A 130 -14.41 3.27 1.61
CA VAL A 130 -13.44 4.12 0.95
C VAL A 130 -13.77 4.20 -0.51
N TYR A 131 -14.38 5.31 -0.93
CA TYR A 131 -14.74 5.48 -2.32
C TYR A 131 -13.53 6.02 -3.07
N PHE A 132 -13.37 5.58 -4.31
CA PHE A 132 -12.24 6.00 -5.09
C PHE A 132 -12.64 6.13 -6.53
N GLN A 133 -12.90 7.35 -6.99
CA GLN A 133 -13.31 7.51 -8.37
C GLN A 133 -12.08 7.64 -9.26
N ASP A 134 -12.02 6.72 -10.22
CA ASP A 134 -10.95 6.56 -11.20
C ASP A 134 -10.67 7.81 -12.02
N VAL A 135 -9.51 7.86 -12.67
CA VAL A 135 -9.19 9.01 -13.51
C VAL A 135 -10.11 8.92 -14.70
N PHE A 136 -10.49 7.70 -15.03
CA PHE A 136 -11.38 7.42 -16.15
C PHE A 136 -12.81 7.55 -15.67
N GLY A 137 -12.97 7.85 -14.39
CA GLY A 137 -14.31 8.01 -13.85
C GLY A 137 -15.02 6.76 -13.42
N THR A 138 -14.27 5.76 -12.97
CA THR A 138 -14.87 4.52 -12.49
C THR A 138 -14.80 4.60 -10.98
N MET A 139 -15.94 4.49 -10.31
CA MET A 139 -15.95 4.57 -8.85
C MET A 139 -15.54 3.21 -8.32
N TRP A 140 -14.54 3.19 -7.46
CA TRP A 140 -14.09 1.95 -6.87
C TRP A 140 -14.42 2.03 -5.40
N CYS A 141 -15.24 1.11 -4.92
CA CYS A 141 -15.62 1.07 -3.52
C CYS A 141 -14.76 0.04 -2.79
N HIS A 142 -14.46 0.27 -1.52
CA HIS A 142 -13.71 -0.73 -0.77
C HIS A 142 -14.21 -0.78 0.67
N HIS A 143 -15.18 -1.65 0.91
CA HIS A 143 -15.80 -1.82 2.22
C HIS A 143 -15.06 -2.79 3.11
N ALA A 144 -14.33 -2.25 4.08
CA ALA A 144 -13.57 -3.03 5.05
C ALA A 144 -14.39 -3.07 6.32
N GLU A 145 -14.63 -4.28 6.80
CA GLU A 145 -15.48 -4.50 7.98
C GLU A 145 -14.83 -5.22 9.16
N MET A 146 -14.82 -4.53 10.30
CA MET A 146 -14.28 -5.05 11.56
C MET A 146 -14.95 -6.37 11.91
N GLN A 147 -14.19 -7.45 12.04
CA GLN A 147 -14.75 -8.74 12.39
C GLN A 147 -15.72 -8.55 13.57
N ASN A 148 -15.16 -8.18 14.72
CA ASN A 148 -15.93 -7.89 15.95
C ASN A 148 -15.83 -6.39 16.08
N PRO A 149 -16.95 -5.69 16.27
CA PRO A 149 -16.81 -4.23 16.39
C PRO A 149 -15.64 -3.79 17.29
N VAL A 150 -15.02 -2.67 16.92
CA VAL A 150 -13.90 -2.12 17.66
C VAL A 150 -14.40 -0.91 18.47
N TYR A 151 -14.13 -0.91 19.77
CA TYR A 151 -14.60 0.17 20.66
C TYR A 151 -13.65 1.33 20.88
N LEU A 152 -14.07 2.50 20.42
CA LEU A 152 -13.28 3.72 20.57
C LEU A 152 -13.67 4.22 21.95
N ILE A 153 -12.70 4.27 22.86
CA ILE A 153 -12.98 4.74 24.22
C ILE A 153 -12.11 5.91 24.57
N PRO A 154 -12.69 7.12 24.49
CA PRO A 154 -11.88 8.30 24.81
C PRO A 154 -10.98 8.13 26.01
N GLU A 155 -9.85 8.81 25.91
CA GLU A 155 -8.82 8.85 26.93
C GLU A 155 -7.84 9.87 26.40
N THR A 156 -7.06 10.44 27.30
CA THR A 156 -6.07 11.43 26.98
C THR A 156 -5.21 11.15 28.18
N VAL A 157 -5.14 9.88 28.56
CA VAL A 157 -4.43 9.61 29.77
C VAL A 157 -2.95 9.26 29.70
N PRO A 158 -2.37 8.67 30.78
CA PRO A 158 -0.96 8.30 30.79
C PRO A 158 -0.04 8.87 29.73
N TYR A 159 0.79 9.82 30.15
CA TYR A 159 1.79 10.47 29.29
C TYR A 159 3.16 9.97 29.76
N ILE A 160 3.24 8.66 29.92
CA ILE A 160 4.43 7.97 30.43
C ILE A 160 5.56 7.63 29.46
N LYS A 161 6.78 7.95 29.86
CA LYS A 161 7.97 7.63 29.08
C LYS A 161 8.54 6.45 29.89
N TRP A 162 9.43 5.65 29.33
CA TRP A 162 9.99 4.58 30.12
C TRP A 162 11.25 5.14 30.76
N ASP A 163 11.90 4.42 31.65
CA ASP A 163 13.04 5.00 32.38
C ASP A 163 14.53 4.83 32.15
N ASN A 164 15.17 3.87 32.82
CA ASN A 164 16.61 3.74 32.64
C ASN A 164 17.01 3.70 31.17
N CYS A 165 16.88 2.54 30.54
CA CYS A 165 17.23 2.34 29.12
C CYS A 165 18.36 3.20 28.52
N ASN A 166 19.50 2.54 28.29
CA ASN A 166 20.67 3.18 27.70
C ASN A 166 20.27 3.68 26.32
N SER A 167 20.45 4.97 26.06
CA SER A 167 20.12 5.53 24.76
C SER A 167 21.20 5.12 23.78
N THR A 168 20.84 4.43 22.70
CA THR A 168 21.83 4.07 21.69
C THR A 168 21.46 4.99 20.56
N ASN A 169 22.02 6.18 20.60
CA ASN A 169 21.76 7.16 19.59
C ASN A 169 21.93 6.53 18.22
N ILE A 170 20.81 6.40 17.52
CA ILE A 170 20.66 5.81 16.19
C ILE A 170 19.19 6.14 15.96
N THR A 171 18.86 6.77 14.84
CA THR A 171 17.47 7.11 14.63
C THR A 171 16.69 6.09 13.80
N ALA A 172 15.47 5.81 14.22
CA ALA A 172 14.59 4.87 13.52
C ALA A 172 13.71 5.65 12.57
N VAL A 173 13.69 5.27 11.30
CA VAL A 173 12.90 5.99 10.30
C VAL A 173 11.76 5.20 9.68
N VAL A 174 10.59 5.82 9.62
CA VAL A 174 9.44 5.16 9.04
C VAL A 174 9.06 5.69 7.67
N ARG A 175 8.90 4.77 6.73
CA ARG A 175 8.56 5.12 5.37
C ARG A 175 7.08 4.95 4.97
N ALA A 176 6.52 3.76 5.11
CA ALA A 176 5.12 3.60 4.75
C ALA A 176 4.42 2.88 5.89
N GLN A 177 4.65 3.39 7.10
CA GLN A 177 4.09 2.77 8.28
C GLN A 177 4.98 1.61 8.65
N GLY A 178 6.06 1.42 7.90
CA GLY A 178 7.00 0.35 8.20
C GLY A 178 8.30 0.92 8.72
N LEU A 179 8.61 0.64 9.99
CA LEU A 179 9.84 1.15 10.59
C LEU A 179 11.01 0.22 10.32
N ASP A 180 12.23 0.76 10.28
CA ASP A 180 13.42 -0.04 10.01
C ASP A 180 14.69 0.54 10.63
N VAL A 181 15.22 -0.12 11.67
CA VAL A 181 16.43 0.33 12.35
C VAL A 181 17.35 -0.85 12.60
N THR A 182 18.65 -0.57 12.65
CA THR A 182 19.60 -1.64 12.94
C THR A 182 20.35 -1.15 14.18
N LEU A 183 20.05 -1.79 15.30
CA LEU A 183 20.67 -1.46 16.56
C LEU A 183 21.66 -2.53 16.89
N PRO A 184 22.84 -2.14 17.36
CA PRO A 184 23.85 -3.12 17.72
C PRO A 184 23.67 -3.43 19.19
N LEU A 185 23.77 -4.70 19.57
CA LEU A 185 23.62 -5.03 20.96
C LEU A 185 24.47 -6.23 21.35
N SER A 186 24.99 -6.21 22.57
CA SER A 186 25.80 -7.28 23.09
C SER A 186 25.10 -8.05 24.20
N LEU A 187 25.21 -9.37 24.15
CA LEU A 187 24.57 -10.20 25.15
C LEU A 187 25.57 -11.02 25.93
N PRO A 188 25.83 -10.63 27.18
CA PRO A 188 26.80 -11.46 27.91
C PRO A 188 26.23 -12.86 28.05
N THR A 189 27.11 -13.86 28.04
CA THR A 189 26.72 -15.25 28.18
C THR A 189 25.83 -15.66 26.99
N SER A 190 26.41 -15.95 25.82
CA SER A 190 25.54 -16.30 24.71
C SER A 190 26.07 -17.25 23.65
N ALA A 191 27.28 -17.74 23.85
CA ALA A 191 27.87 -18.66 22.88
C ALA A 191 27.02 -19.93 22.90
N GLN A 192 26.25 -20.15 21.83
CA GLN A 192 25.38 -21.31 21.72
C GLN A 192 24.26 -21.13 22.73
N ASP A 193 24.54 -21.50 23.97
CA ASP A 193 23.55 -21.39 25.01
C ASP A 193 23.05 -19.95 25.22
N SER A 194 22.27 -19.49 24.24
CA SER A 194 21.67 -18.16 24.31
C SER A 194 20.22 -18.27 23.84
N ASN A 195 19.31 -17.68 24.62
CA ASN A 195 17.89 -17.66 24.28
C ASN A 195 17.63 -16.18 24.03
N PHE A 196 17.28 -15.83 22.80
CA PHE A 196 17.02 -14.44 22.48
C PHE A 196 15.53 -14.12 22.54
N SER A 197 15.19 -12.97 23.10
CA SER A 197 13.80 -12.55 23.21
C SER A 197 13.75 -11.04 23.15
N VAL A 198 13.24 -10.51 22.05
CA VAL A 198 13.16 -9.08 21.88
C VAL A 198 11.71 -8.64 22.07
N LYS A 199 11.50 -7.37 22.37
CA LYS A 199 10.17 -6.82 22.54
C LYS A 199 10.33 -5.35 22.36
N THR A 200 9.48 -4.78 21.53
CA THR A 200 9.58 -3.36 21.30
C THR A 200 8.39 -2.67 21.90
N GLU A 201 8.24 -1.40 21.54
CA GLU A 201 7.15 -0.57 22.02
C GLU A 201 7.48 0.86 21.63
N MET A 202 6.86 1.34 20.54
CA MET A 202 7.05 2.73 20.10
C MET A 202 6.08 3.49 20.96
N LEU A 203 6.64 4.27 21.87
CA LEU A 203 5.85 4.99 22.83
C LEU A 203 5.59 6.47 22.58
N GLY A 204 5.85 6.96 21.38
CA GLY A 204 5.59 8.37 21.13
C GLY A 204 4.13 8.80 21.19
N ASN A 205 3.90 10.10 21.32
CA ASN A 205 2.55 10.66 21.37
C ASN A 205 1.51 9.87 22.16
N GLU A 206 0.25 10.20 21.93
CA GLU A 206 -0.89 9.56 22.57
C GLU A 206 -1.03 8.17 21.96
N ILE A 207 0.06 7.67 21.41
CA ILE A 207 0.07 6.38 20.74
C ILE A 207 0.99 5.39 21.44
N ASP A 208 0.53 4.17 21.69
CA ASP A 208 1.40 3.17 22.35
C ASP A 208 1.35 1.82 21.67
N ILE A 209 2.23 1.64 20.67
CA ILE A 209 2.32 0.38 19.92
C ILE A 209 3.20 -0.56 20.75
N GLU A 210 2.93 -1.86 20.66
CA GLU A 210 3.71 -2.82 21.43
C GLU A 210 3.87 -4.09 20.61
N CYS A 211 5.10 -4.33 20.17
CA CYS A 211 5.45 -5.49 19.34
C CYS A 211 5.99 -6.64 20.18
N ILE A 212 5.69 -7.87 19.79
CA ILE A 212 6.09 -9.06 20.54
C ILE A 212 6.41 -10.27 19.66
N MET A 213 7.52 -10.96 19.92
CA MET A 213 7.83 -12.15 19.11
C MET A 213 6.64 -13.05 19.37
N GLU A 214 6.10 -13.68 18.32
CA GLU A 214 4.96 -14.54 18.56
C GLU A 214 5.33 -16.01 18.51
N ASP A 215 6.06 -16.39 17.46
CA ASP A 215 6.44 -17.79 17.34
C ASP A 215 7.32 -18.32 18.47
N GLY A 216 7.61 -17.47 19.46
CA GLY A 216 8.44 -17.90 20.58
C GLY A 216 9.79 -17.21 20.63
N GLU A 217 10.77 -17.79 21.31
CA GLU A 217 12.10 -17.19 21.37
C GLU A 217 12.98 -17.90 20.33
N ILE A 218 14.16 -17.35 20.10
CA ILE A 218 15.12 -17.98 19.19
C ILE A 218 15.86 -18.76 20.25
N SER A 219 15.57 -20.06 20.37
CA SER A 219 16.21 -20.88 21.39
C SER A 219 17.65 -21.28 21.11
N GLN A 220 17.96 -21.49 19.83
CA GLN A 220 19.30 -21.87 19.40
C GLN A 220 19.75 -20.85 18.38
N VAL A 221 20.24 -19.73 18.89
CA VAL A 221 20.70 -18.60 18.08
C VAL A 221 21.82 -18.79 17.07
N LEU A 222 21.67 -19.72 16.12
CA LEU A 222 22.71 -19.96 15.10
C LEU A 222 23.50 -18.71 14.72
N PRO A 223 24.67 -18.90 14.09
CA PRO A 223 25.56 -17.82 13.67
C PRO A 223 25.28 -17.07 12.37
N GLY A 224 25.00 -15.78 12.51
CA GLY A 224 24.78 -14.92 11.35
C GLY A 224 23.46 -14.81 10.60
N ASP A 225 22.56 -13.96 11.07
CA ASP A 225 21.28 -13.74 10.42
C ASP A 225 20.18 -14.72 10.76
N ASN A 226 19.56 -14.53 11.91
CA ASN A 226 18.45 -15.32 12.39
C ASN A 226 17.24 -14.43 12.13
N LYS A 227 16.29 -14.87 11.32
CA LYS A 227 15.14 -14.04 11.05
C LYS A 227 13.99 -14.43 11.95
N PHE A 228 13.29 -13.45 12.50
CA PHE A 228 12.16 -13.78 13.35
C PHE A 228 10.98 -12.87 13.04
N ASN A 229 9.77 -13.38 13.27
CA ASN A 229 8.56 -12.61 13.00
C ASN A 229 8.10 -11.93 14.28
N ILE A 230 7.45 -10.78 14.15
CA ILE A 230 6.90 -10.12 15.31
C ILE A 230 5.52 -9.56 15.02
N THR A 231 4.69 -9.51 16.07
CA THR A 231 3.30 -9.06 15.99
C THR A 231 3.02 -7.77 16.73
N CYS A 232 3.19 -6.61 16.10
CA CYS A 232 2.89 -5.36 16.79
C CYS A 232 1.38 -5.22 17.02
N SER A 233 1.00 -4.72 18.19
CA SER A 233 -0.43 -4.56 18.49
C SER A 233 -1.04 -3.51 17.57
N GLY A 234 -2.27 -3.77 17.13
CA GLY A 234 -2.93 -2.86 16.24
C GLY A 234 -3.59 -3.64 15.12
N TYR A 235 -3.51 -3.15 13.89
CA TYR A 235 -4.11 -3.86 12.78
C TYR A 235 -3.05 -4.31 11.80
N GLU A 236 -2.56 -5.53 11.97
CA GLU A 236 -1.50 -6.07 11.12
C GLU A 236 -1.60 -5.80 9.61
N SER A 237 -0.44 -5.51 9.00
CA SER A 237 -0.33 -5.21 7.58
C SER A 237 -0.10 -6.48 6.78
N HIS A 238 -0.47 -6.49 5.51
CA HIS A 238 -0.25 -7.68 4.73
C HIS A 238 1.24 -7.93 4.67
N VAL A 239 2.05 -6.89 4.49
CA VAL A 239 3.51 -7.07 4.51
C VAL A 239 3.77 -7.38 5.97
N PRO A 240 4.17 -8.62 6.28
CA PRO A 240 4.39 -8.86 7.70
C PRO A 240 5.47 -8.01 8.29
N SER A 241 5.60 -8.11 9.60
CA SER A 241 6.61 -7.37 10.31
C SER A 241 7.56 -8.34 11.00
N GLY A 242 8.84 -8.22 10.70
CA GLY A 242 9.83 -9.09 11.29
C GLY A 242 11.08 -8.39 11.81
N GLY A 243 12.10 -9.18 12.11
CA GLY A 243 13.37 -8.67 12.63
C GLY A 243 14.43 -9.74 12.44
N ILE A 244 15.71 -9.33 12.35
CA ILE A 244 16.81 -10.26 12.19
C ILE A 244 17.89 -9.95 13.21
N LEU A 245 18.29 -10.97 13.94
CA LEU A 245 19.33 -10.86 14.95
C LEU A 245 20.57 -11.47 14.31
N THR A 246 21.48 -10.64 13.82
CA THR A 246 22.68 -11.12 13.20
C THR A 246 23.87 -10.93 14.14
N SER A 247 24.72 -11.95 14.24
CA SER A 247 25.91 -11.92 15.11
C SER A 247 27.08 -11.10 14.59
N THR A 248 27.80 -10.46 15.51
CA THR A 248 28.94 -9.62 15.15
C THR A 248 30.11 -9.85 16.11
N SER A 249 30.38 -11.13 16.39
CA SER A 249 31.48 -11.53 17.26
C SER A 249 31.81 -13.02 17.10
N PRO A 250 33.08 -13.37 17.32
CA PRO A 250 33.49 -14.77 17.19
C PRO A 250 32.72 -15.78 18.03
N VAL A 251 32.71 -17.01 17.52
CA VAL A 251 32.04 -18.16 18.13
C VAL A 251 32.22 -18.33 19.64
N ALA A 252 33.46 -18.55 20.04
CA ALA A 252 33.81 -18.73 21.45
C ALA A 252 35.14 -18.02 21.63
N THR A 253 35.50 -17.21 20.63
CA THR A 253 36.78 -16.53 20.62
C THR A 253 36.98 -15.13 21.27
N PRO A 254 36.15 -14.78 22.27
CA PRO A 254 36.27 -13.49 22.95
C PRO A 254 36.30 -13.84 24.46
N ILE A 255 36.88 -12.96 25.27
CA ILE A 255 36.95 -13.22 26.71
C ILE A 255 36.77 -11.99 27.57
N PRO A 256 37.15 -10.80 27.05
CA PRO A 256 37.01 -9.57 27.82
C PRO A 256 35.69 -8.83 27.62
N GLY A 257 35.54 -7.76 28.40
CA GLY A 257 34.38 -6.89 28.40
C GLY A 257 33.30 -7.09 27.36
N THR A 258 33.70 -7.08 26.09
CA THR A 258 32.79 -7.28 24.98
C THR A 258 32.22 -8.71 25.07
N GLY A 259 31.04 -8.85 25.67
CA GLY A 259 30.42 -10.16 25.81
C GLY A 259 30.32 -10.89 24.48
N TYR A 260 29.22 -10.64 23.79
CA TYR A 260 28.93 -11.20 22.48
C TYR A 260 28.13 -10.13 21.72
N ALA A 261 28.73 -9.58 20.68
CA ALA A 261 28.12 -8.54 19.87
C ALA A 261 27.13 -9.07 18.86
N TYR A 262 26.07 -8.32 18.61
CA TYR A 262 25.05 -8.69 17.64
C TYR A 262 24.58 -7.44 16.94
N SER A 263 24.07 -7.61 15.72
CA SER A 263 23.52 -6.51 14.95
C SER A 263 22.06 -6.89 14.89
N LEU A 264 21.19 -6.00 15.36
CA LEU A 264 19.76 -6.28 15.38
C LEU A 264 18.97 -5.35 14.47
N ARG A 265 18.14 -5.94 13.61
CA ARG A 265 17.30 -5.14 12.71
C ARG A 265 15.82 -5.41 12.93
N LEU A 266 15.10 -4.32 13.16
CA LEU A 266 13.69 -4.38 13.40
C LEU A 266 12.99 -3.89 12.15
N THR A 267 11.89 -4.56 11.83
CA THR A 267 11.08 -4.24 10.66
C THR A 267 9.63 -4.54 11.08
N PRO A 268 9.06 -3.72 11.98
CA PRO A 268 7.69 -3.83 12.49
C PRO A 268 6.74 -3.01 11.59
N ARG A 269 5.44 -3.36 11.47
CA ARG A 269 4.68 -2.54 10.55
C ARG A 269 3.72 -1.41 10.99
N PRO A 270 2.42 -1.47 10.70
CA PRO A 270 1.63 -0.31 11.16
C PRO A 270 2.29 0.53 12.27
N VAL A 271 3.01 1.57 11.87
CA VAL A 271 3.68 2.49 12.81
C VAL A 271 3.17 3.81 12.27
N SER A 272 2.08 4.31 12.82
CA SER A 272 1.46 5.53 12.32
C SER A 272 2.19 6.84 12.52
N ARG A 273 2.07 7.74 11.53
CA ARG A 273 2.70 9.06 11.61
C ARG A 273 2.11 9.72 12.85
N PHE A 274 0.89 9.30 13.22
CA PHE A 274 0.19 9.84 14.39
C PHE A 274 1.07 9.80 15.62
N LEU A 275 2.10 9.00 15.54
CA LEU A 275 3.06 8.84 16.60
C LEU A 275 3.91 10.12 16.63
N GLY A 276 3.82 10.92 15.58
CA GLY A 276 4.60 12.15 15.50
C GLY A 276 6.08 11.85 15.55
N ASN A 277 6.92 12.77 15.09
CA ASN A 277 8.36 12.51 15.15
C ASN A 277 8.77 12.77 16.56
N ASN A 278 9.93 12.24 16.94
CA ASN A 278 10.39 12.48 18.29
C ASN A 278 9.59 11.65 19.27
N SER A 279 9.45 10.38 18.90
CA SER A 279 8.76 9.38 19.71
C SER A 279 9.99 8.57 20.14
N ILE A 280 9.81 7.54 20.95
CA ILE A 280 11.01 6.78 21.32
C ILE A 280 10.76 5.29 21.26
N LEU A 281 11.60 4.63 20.47
CA LEU A 281 11.52 3.20 20.27
C LEU A 281 12.24 2.46 21.37
N TYR A 282 11.53 1.65 22.13
CA TYR A 282 12.22 0.91 23.17
C TYR A 282 12.39 -0.51 22.73
N VAL A 283 13.61 -1.00 22.85
CA VAL A 283 13.91 -2.36 22.46
C VAL A 283 14.33 -3.04 23.75
N PHE A 284 13.69 -4.16 24.07
CA PHE A 284 13.97 -4.91 25.28
C PHE A 284 14.51 -6.29 24.90
N TYR A 285 15.58 -6.73 25.55
CA TYR A 285 16.12 -8.04 25.24
C TYR A 285 16.82 -8.68 26.42
N SER A 286 16.91 -10.00 26.40
CA SER A 286 17.56 -10.74 27.46
C SER A 286 18.28 -11.87 26.80
N GLY A 287 18.92 -12.69 27.62
CA GLY A 287 19.62 -13.85 27.14
C GLY A 287 18.99 -14.93 27.97
N ASN A 288 17.66 -14.91 28.02
CA ASN A 288 16.95 -15.85 28.85
C ASN A 288 15.73 -16.54 28.25
N GLY A 289 15.36 -17.63 28.91
CA GLY A 289 14.19 -18.44 28.55
C GLY A 289 13.26 -18.61 29.75
N PRO A 290 13.65 -18.16 30.96
CA PRO A 290 12.73 -18.34 32.08
C PRO A 290 11.58 -17.33 32.08
N LYS A 291 11.92 -16.06 31.86
CA LYS A 291 10.92 -15.01 31.83
C LYS A 291 11.34 -13.88 30.88
N ALA A 292 11.00 -14.05 29.60
CA ALA A 292 11.31 -13.06 28.58
C ALA A 292 10.70 -11.71 28.96
N SER A 293 9.65 -11.78 29.78
CA SER A 293 8.92 -10.61 30.28
C SER A 293 9.75 -9.73 31.20
N GLY A 294 9.77 -8.43 30.88
CA GLY A 294 10.52 -7.46 31.66
C GLY A 294 11.95 -7.89 31.98
N GLY A 295 12.59 -8.57 31.03
CA GLY A 295 13.95 -9.04 31.23
C GLY A 295 15.11 -8.10 30.92
N ASP A 296 16.06 -8.09 31.86
CA ASP A 296 17.29 -7.30 31.79
C ASP A 296 17.34 -6.04 30.91
N TYR A 297 18.34 -6.01 30.03
CA TYR A 297 18.67 -4.92 29.12
C TYR A 297 17.59 -4.23 28.28
N CYS A 298 17.66 -2.90 28.21
CA CYS A 298 16.71 -2.11 27.43
C CYS A 298 17.58 -1.14 26.64
N ILE A 299 17.28 -0.96 25.36
CA ILE A 299 18.03 -0.06 24.50
C ILE A 299 16.97 0.84 23.85
N GLN A 300 17.21 2.14 23.70
CA GLN A 300 16.18 2.97 23.09
C GLN A 300 16.69 3.89 21.99
N SER A 301 15.86 4.07 20.96
CA SER A 301 16.21 4.92 19.81
C SER A 301 15.05 5.87 19.42
N ASN A 302 15.37 7.01 18.84
CA ASN A 302 14.36 7.98 18.39
C ASN A 302 13.86 7.66 16.99
N ILE A 303 12.60 7.96 16.70
CA ILE A 303 12.06 7.67 15.37
C ILE A 303 11.57 8.91 14.61
N VAL A 304 11.77 8.91 13.30
CA VAL A 304 11.36 10.03 12.48
C VAL A 304 10.52 9.59 11.30
N PHE A 305 9.53 10.41 10.94
CA PHE A 305 8.63 10.07 9.84
C PHE A 305 8.88 10.77 8.49
N SER A 306 9.67 10.14 7.63
CA SER A 306 9.95 10.73 6.32
C SER A 306 8.67 10.96 5.52
N ASP A 307 8.61 12.06 4.78
CA ASP A 307 7.43 12.36 3.95
C ASP A 307 7.77 12.02 2.52
N GLU A 308 8.87 11.28 2.41
CA GLU A 308 9.41 10.77 1.17
C GLU A 308 8.33 10.02 0.40
N ILE A 309 7.78 10.67 -0.64
CA ILE A 309 6.74 10.05 -1.45
C ILE A 309 7.20 8.69 -1.89
N PRO A 310 6.44 7.63 -1.54
CA PRO A 310 6.87 6.31 -1.97
C PRO A 310 7.23 6.33 -3.45
N ALA A 311 8.19 5.48 -3.81
CA ALA A 311 8.64 5.40 -5.17
C ALA A 311 7.62 4.66 -6.03
N SER A 312 7.69 3.33 -5.95
CA SER A 312 6.84 2.41 -6.69
C SER A 312 5.32 2.59 -6.57
N GLN A 313 4.84 3.83 -6.61
CA GLN A 313 3.40 4.05 -6.46
C GLN A 313 2.52 3.49 -7.57
N ASP A 314 2.95 3.66 -8.82
CA ASP A 314 2.17 3.18 -9.96
C ASP A 314 2.06 1.65 -9.99
N MET A 315 0.96 1.11 -10.52
CA MET A 315 0.79 -0.34 -10.57
C MET A 315 1.69 -0.92 -11.66
N PRO A 316 2.17 -2.16 -11.46
CA PRO A 316 3.05 -2.95 -12.34
C PRO A 316 2.70 -3.02 -13.82
N THR A 317 3.66 -3.42 -14.64
CA THR A 317 3.47 -3.50 -16.09
C THR A 317 4.19 -4.61 -16.85
N ASN A 318 3.51 -5.14 -17.87
CA ASN A 318 4.04 -6.20 -18.74
C ASN A 318 3.99 -5.69 -20.18
N THR A 319 5.08 -5.06 -20.62
CA THR A 319 5.16 -4.51 -21.97
C THR A 319 5.29 -5.53 -23.09
N THR A 320 4.62 -5.25 -24.20
CA THR A 320 4.62 -6.09 -25.41
C THR A 320 5.02 -5.18 -26.57
N ASP A 321 5.95 -5.62 -27.40
CA ASP A 321 6.40 -4.81 -28.54
C ASP A 321 5.79 -5.31 -29.85
N ILE A 322 5.18 -4.39 -30.59
CA ILE A 322 4.57 -4.72 -31.86
C ILE A 322 5.33 -3.96 -32.92
N THR A 323 5.30 -4.48 -34.13
CA THR A 323 5.94 -3.87 -35.27
C THR A 323 4.97 -4.27 -36.36
N TYR A 324 4.54 -3.30 -37.13
CA TYR A 324 3.57 -3.61 -38.16
C TYR A 324 3.71 -2.57 -39.23
N VAL A 325 3.03 -2.79 -40.34
CA VAL A 325 3.14 -1.86 -41.44
C VAL A 325 1.81 -1.25 -41.90
N GLY A 326 0.72 -1.99 -41.71
CA GLY A 326 -0.60 -1.52 -42.12
C GLY A 326 -1.17 -0.17 -41.68
N ASP A 327 -0.32 0.67 -41.08
CA ASP A 327 -0.70 2.02 -40.61
C ASP A 327 -1.87 2.19 -39.64
N ASN A 328 -2.16 1.09 -38.95
CA ASN A 328 -3.15 0.97 -37.89
C ASN A 328 -3.03 -0.50 -37.45
N ALA A 329 -2.41 -0.67 -36.27
CA ALA A 329 -2.15 -1.97 -35.65
C ALA A 329 -3.29 -2.41 -34.74
N THR A 330 -3.20 -3.61 -34.19
CA THR A 330 -4.28 -4.10 -33.36
C THR A 330 -3.75 -5.08 -32.32
N TYR A 331 -4.00 -4.81 -31.05
CA TYR A 331 -3.58 -5.68 -29.96
C TYR A 331 -4.80 -6.39 -29.41
N SER A 332 -4.63 -7.63 -28.99
CA SER A 332 -5.76 -8.36 -28.45
C SER A 332 -5.56 -8.55 -26.96
N VAL A 333 -6.18 -7.68 -26.18
CA VAL A 333 -6.09 -7.77 -24.74
C VAL A 333 -6.70 -9.10 -24.36
N PRO A 334 -5.88 -10.03 -23.87
CA PRO A 334 -6.41 -11.34 -23.49
C PRO A 334 -7.37 -11.30 -22.32
N MET A 335 -7.96 -12.46 -22.06
CA MET A 335 -8.93 -12.71 -21.02
C MET A 335 -8.87 -11.87 -19.76
N VAL A 336 -10.05 -11.41 -19.37
CA VAL A 336 -10.28 -10.61 -18.18
C VAL A 336 -9.67 -11.41 -17.03
N THR A 337 -8.56 -10.94 -16.48
CA THR A 337 -7.90 -11.70 -15.41
C THR A 337 -7.43 -12.98 -16.07
N SER A 338 -8.08 -14.08 -15.67
CA SER A 338 -7.77 -15.40 -16.19
C SER A 338 -8.99 -16.33 -16.07
N GLU A 339 -8.90 -17.41 -16.84
CA GLU A 339 -9.88 -18.50 -16.96
C GLU A 339 -11.35 -18.34 -16.60
N ASP A 340 -12.03 -17.40 -17.25
CA ASP A 340 -13.46 -17.23 -17.02
C ASP A 340 -14.07 -16.26 -18.00
N ALA A 341 -14.61 -16.84 -19.05
CA ALA A 341 -15.26 -16.13 -20.14
C ALA A 341 -16.74 -15.98 -19.82
N ASN A 342 -17.03 -15.56 -18.59
CA ASN A 342 -18.41 -15.37 -18.23
C ASN A 342 -18.54 -14.35 -17.11
N SER A 343 -17.66 -13.37 -17.13
CA SER A 343 -17.75 -12.33 -16.14
C SER A 343 -18.91 -11.51 -16.63
N PRO A 344 -19.64 -10.88 -15.72
CA PRO A 344 -20.75 -10.07 -16.21
C PRO A 344 -20.31 -8.59 -16.11
N ASN A 345 -18.99 -8.39 -16.08
CA ASN A 345 -18.38 -7.05 -15.96
C ASN A 345 -16.94 -6.87 -16.51
N VAL A 346 -16.70 -6.82 -17.82
CA VAL A 346 -15.30 -6.59 -18.22
C VAL A 346 -15.06 -5.12 -18.55
N THR A 347 -13.82 -4.67 -18.54
CA THR A 347 -13.52 -3.26 -18.82
C THR A 347 -12.16 -2.95 -19.47
N VAL A 348 -12.09 -2.89 -20.78
CA VAL A 348 -10.81 -2.57 -21.38
C VAL A 348 -10.65 -1.07 -21.13
N THR A 349 -9.44 -0.55 -21.22
CA THR A 349 -9.19 0.87 -20.93
C THR A 349 -7.86 1.39 -21.49
N ALA A 350 -7.95 2.22 -22.53
CA ALA A 350 -6.79 2.76 -23.25
C ALA A 350 -6.10 4.00 -22.69
N PHE A 351 -4.90 4.27 -23.18
CA PHE A 351 -4.13 5.33 -22.56
C PHE A 351 -2.97 5.74 -23.45
N TRP A 352 -2.78 7.01 -23.70
CA TRP A 352 -1.62 7.36 -24.49
C TRP A 352 -0.65 7.82 -23.42
N ALA A 353 0.36 6.99 -23.23
CA ALA A 353 1.40 7.19 -22.23
C ALA A 353 1.73 8.65 -21.93
N TRP A 354 1.98 8.92 -20.65
CA TRP A 354 2.35 10.25 -20.18
C TRP A 354 1.47 11.37 -20.68
N PRO A 355 0.15 11.25 -20.49
CA PRO A 355 -0.81 12.26 -20.94
C PRO A 355 -0.71 13.51 -20.09
N ASN A 356 -0.83 14.68 -20.72
CA ASN A 356 -0.76 15.94 -20.02
C ASN A 356 -2.09 16.44 -19.50
N ASN A 357 -3.19 16.12 -20.19
CA ASN A 357 -4.49 16.64 -19.75
C ASN A 357 -5.65 15.70 -19.47
N THR A 358 -6.13 15.77 -18.24
CA THR A 358 -7.23 14.96 -17.72
C THR A 358 -8.57 15.09 -18.43
N GLU A 359 -8.98 16.32 -18.71
CA GLU A 359 -10.26 16.56 -19.37
C GLU A 359 -10.27 16.02 -20.80
N THR A 360 -9.12 15.56 -21.28
CA THR A 360 -9.07 15.05 -22.64
C THR A 360 -8.43 13.69 -22.89
N ASP A 361 -7.35 13.40 -22.19
CA ASP A 361 -6.63 12.15 -22.41
C ASP A 361 -7.23 10.87 -21.87
N PHE A 362 -8.18 10.96 -20.96
CA PHE A 362 -8.77 9.76 -20.38
C PHE A 362 -10.22 9.55 -20.78
N LYS A 363 -10.46 9.37 -22.08
CA LYS A 363 -11.82 9.17 -22.59
C LYS A 363 -12.08 7.78 -23.19
N CYS A 364 -11.03 7.11 -23.68
CA CYS A 364 -11.19 5.78 -24.29
C CYS A 364 -11.54 4.64 -23.31
N LYS A 365 -12.77 4.15 -23.34
CA LYS A 365 -13.14 3.07 -22.43
C LYS A 365 -14.19 2.13 -23.01
N TRP A 366 -14.09 0.84 -22.69
CA TRP A 366 -15.02 -0.13 -23.21
C TRP A 366 -15.56 -1.06 -22.16
N THR A 367 -16.69 -1.67 -22.47
CA THR A 367 -17.33 -2.59 -21.58
C THR A 367 -18.12 -3.52 -22.44
N LEU A 368 -18.55 -4.63 -21.86
CA LEU A 368 -19.35 -5.60 -22.60
C LEU A 368 -20.58 -4.99 -23.25
N THR A 369 -21.16 -4.00 -22.59
CA THR A 369 -22.36 -3.36 -23.10
C THR A 369 -22.21 -1.98 -23.73
N SER A 370 -20.99 -1.46 -23.81
CA SER A 370 -20.79 -0.13 -24.39
C SER A 370 -20.39 -0.17 -25.85
N GLY A 371 -19.39 0.61 -26.22
CA GLY A 371 -18.94 0.59 -27.60
C GLY A 371 -18.77 1.94 -28.26
N THR A 372 -17.55 2.26 -28.65
CA THR A 372 -17.27 3.54 -29.29
C THR A 372 -17.52 4.61 -28.26
N PRO A 373 -16.47 5.04 -27.56
CA PRO A 373 -16.60 6.07 -26.53
C PRO A 373 -16.37 7.49 -27.02
N SER A 374 -17.28 8.36 -26.61
CA SER A 374 -17.26 9.78 -26.96
C SER A 374 -15.91 10.33 -27.41
N GLY A 375 -15.24 11.05 -26.50
CA GLY A 375 -13.98 11.68 -26.84
C GLY A 375 -12.79 10.86 -27.28
N CYS A 376 -12.97 9.55 -27.44
CA CYS A 376 -11.84 8.70 -27.82
C CYS A 376 -11.42 8.85 -29.29
N GLU A 377 -10.39 9.66 -29.52
CA GLU A 377 -9.87 9.88 -30.87
C GLU A 377 -8.80 8.83 -31.22
N ASN A 378 -8.86 8.32 -32.44
CA ASN A 378 -7.93 7.33 -33.01
C ASN A 378 -7.64 5.98 -32.31
N ILE A 379 -8.42 5.62 -31.30
CA ILE A 379 -8.24 4.32 -30.62
C ILE A 379 -9.56 3.57 -30.84
N SER A 380 -9.50 2.32 -31.26
CA SER A 380 -10.73 1.56 -31.48
C SER A 380 -10.78 0.36 -30.56
N GLY A 381 -11.95 -0.01 -30.10
CA GLY A 381 -11.98 -1.16 -29.22
C GLY A 381 -13.30 -1.89 -29.22
N ALA A 382 -13.25 -3.21 -29.35
CA ALA A 382 -14.47 -3.99 -29.35
C ALA A 382 -14.10 -5.41 -29.01
N PHE A 383 -14.95 -6.08 -28.26
CA PHE A 383 -14.67 -7.46 -27.87
C PHE A 383 -14.68 -8.46 -29.00
N ALA A 384 -13.86 -9.50 -28.81
CA ALA A 384 -13.70 -10.59 -29.74
C ALA A 384 -14.03 -11.92 -29.04
N SER A 385 -13.76 -13.02 -29.75
CA SER A 385 -14.01 -14.39 -29.26
C SER A 385 -13.53 -14.63 -27.84
N ASN A 386 -14.18 -15.58 -27.16
CA ASN A 386 -13.85 -15.95 -25.78
C ASN A 386 -13.46 -14.79 -24.85
N ARG A 387 -14.16 -13.67 -24.94
CA ARG A 387 -13.89 -12.50 -24.10
C ARG A 387 -12.57 -11.79 -24.35
N THR A 388 -11.95 -12.02 -25.49
CA THR A 388 -10.70 -11.35 -25.80
C THR A 388 -11.16 -9.96 -26.23
N PHE A 389 -10.25 -9.00 -26.30
CA PHE A 389 -10.65 -7.65 -26.64
C PHE A 389 -9.63 -7.03 -27.57
N ASP A 390 -10.01 -6.80 -28.82
CA ASP A 390 -9.08 -6.23 -29.76
C ASP A 390 -9.14 -4.70 -29.77
N ILE A 391 -7.98 -4.08 -29.61
CA ILE A 391 -7.87 -2.62 -29.63
C ILE A 391 -7.20 -2.23 -30.94
N THR A 392 -7.81 -1.34 -31.69
CA THR A 392 -7.19 -0.94 -32.93
C THR A 392 -6.61 0.46 -32.85
N VAL A 393 -5.29 0.55 -32.77
CA VAL A 393 -4.64 1.84 -32.69
C VAL A 393 -4.31 2.33 -34.09
N SER A 394 -4.79 3.54 -34.43
CA SER A 394 -4.54 4.09 -35.76
C SER A 394 -3.86 5.47 -35.76
N GLY A 395 -3.44 5.90 -34.58
CA GLY A 395 -2.73 7.17 -34.48
C GLY A 395 -1.37 6.86 -35.08
N LEU A 396 -1.29 7.01 -36.40
CA LEU A 396 -0.06 6.68 -37.07
C LEU A 396 0.95 7.82 -37.14
N GLY A 397 2.11 7.56 -36.54
CA GLY A 397 3.20 8.51 -36.54
C GLY A 397 4.40 7.70 -37.00
N THR A 398 5.60 8.21 -36.76
CA THR A 398 6.82 7.49 -37.15
C THR A 398 7.73 7.63 -35.94
N ALA A 399 7.09 7.52 -34.78
CA ALA A 399 7.76 7.61 -33.50
C ALA A 399 6.95 6.78 -32.51
N PRO A 400 7.37 5.53 -32.30
CA PRO A 400 6.82 4.48 -31.43
C PRO A 400 6.01 4.89 -30.19
N LYS A 401 4.69 4.97 -30.35
CA LYS A 401 3.81 5.32 -29.23
C LYS A 401 3.54 4.09 -28.36
N THR A 402 3.61 4.27 -27.04
CA THR A 402 3.38 3.18 -26.08
C THR A 402 1.97 3.35 -25.50
N LEU A 403 1.09 2.38 -25.71
CA LEU A 403 -0.25 2.52 -25.17
C LEU A 403 -0.41 1.74 -23.88
N ILE A 404 -1.04 2.34 -22.89
CA ILE A 404 -1.20 1.67 -21.63
C ILE A 404 -2.60 1.15 -21.42
N ILE A 405 -2.79 -0.13 -21.67
CA ILE A 405 -4.12 -0.73 -21.52
C ILE A 405 -4.35 -1.29 -20.13
N THR A 406 -5.58 -1.20 -19.65
CA THR A 406 -5.92 -1.76 -18.36
C THR A 406 -7.23 -2.46 -18.47
N ARG A 407 -7.24 -3.70 -18.04
CA ARG A 407 -8.46 -4.45 -18.12
C ARG A 407 -8.83 -4.86 -16.73
N THR A 408 -10.11 -4.97 -16.44
CA THR A 408 -10.43 -5.39 -15.10
C THR A 408 -11.68 -6.24 -15.02
N ALA A 409 -11.55 -7.35 -14.33
CA ALA A 409 -12.63 -8.32 -14.16
C ALA A 409 -13.63 -7.85 -13.14
N THR A 410 -14.74 -8.59 -13.06
CA THR A 410 -15.76 -8.22 -12.11
C THR A 410 -15.22 -8.40 -10.69
N ASN A 411 -14.13 -9.16 -10.59
CA ASN A 411 -13.44 -9.45 -9.33
C ASN A 411 -12.59 -8.28 -8.87
N ALA A 412 -12.30 -7.39 -9.80
CA ALA A 412 -11.48 -6.21 -9.55
C ALA A 412 -10.01 -6.58 -9.64
N THR A 413 -9.74 -7.74 -10.22
CA THR A 413 -8.38 -8.21 -10.41
C THR A 413 -7.88 -7.39 -11.58
N THR A 414 -7.31 -6.21 -11.32
CA THR A 414 -6.82 -5.40 -12.43
C THR A 414 -5.53 -5.94 -13.01
N THR A 415 -5.32 -5.69 -14.29
CA THR A 415 -4.15 -6.16 -14.97
C THR A 415 -3.78 -5.08 -15.98
N THR A 416 -2.55 -4.60 -15.96
CA THR A 416 -2.18 -3.54 -16.88
C THR A 416 -1.07 -3.84 -17.88
N HIS A 417 -1.42 -3.94 -19.15
CA HIS A 417 -0.41 -4.18 -20.16
C HIS A 417 0.22 -2.84 -20.53
N LYS A 418 1.16 -2.88 -21.47
CA LYS A 418 1.84 -1.70 -21.94
C LYS A 418 2.43 -2.07 -23.27
N VAL A 419 1.57 -2.12 -24.29
CA VAL A 419 1.99 -2.42 -25.65
C VAL A 419 2.75 -1.22 -26.18
N ILE A 420 3.71 -1.44 -27.06
CA ILE A 420 4.47 -0.32 -27.55
C ILE A 420 4.76 -0.50 -29.03
N PHE A 421 3.83 0.02 -29.84
CA PHE A 421 3.88 -0.05 -31.30
C PHE A 421 5.04 0.66 -31.98
N SER A 422 5.98 -0.13 -32.48
CA SER A 422 7.15 0.38 -33.20
C SER A 422 6.60 0.97 -34.49
N LYS A 423 5.40 0.55 -34.82
CA LYS A 423 4.72 0.99 -36.03
C LYS A 423 5.65 1.05 -37.24
N ALA A 424 5.26 1.89 -38.20
CA ALA A 424 6.00 2.07 -39.44
C ALA A 424 7.47 1.65 -39.42
N PRO A 425 7.79 0.51 -40.06
CA PRO A 425 9.13 -0.07 -40.21
C PRO A 425 9.80 0.57 -41.44
N GLU A 426 8.94 1.02 -42.34
CA GLU A 426 9.28 1.70 -43.59
C GLU A 426 9.72 0.96 -44.84
N SER A 427 9.16 1.45 -45.95
CA SER A 427 9.39 0.92 -47.30
C SER A 427 10.85 0.69 -47.69
N THR A 428 11.10 -0.42 -48.38
CA THR A 428 12.44 -0.72 -48.85
C THR A 428 12.68 0.31 -49.95
N THR A 429 13.91 0.81 -50.03
CA THR A 429 14.26 1.82 -51.03
C THR A 429 13.75 1.49 -52.43
N THR A 430 14.12 0.32 -52.94
CA THR A 430 13.71 -0.10 -54.29
C THR A 430 12.24 -0.50 -54.34
N SER A 431 11.41 0.19 -53.56
CA SER A 431 9.98 -0.10 -53.49
C SER A 431 9.31 -0.15 -54.87
N PRO A 432 9.49 0.91 -55.66
CA PRO A 432 8.88 0.97 -56.99
C PRO A 432 9.54 0.06 -58.05
N THR A 433 10.56 -0.71 -57.68
CA THR A 433 11.23 -1.56 -58.67
C THR A 433 11.71 -2.95 -58.18
N LEU A 434 12.92 -2.98 -57.60
CA LEU A 434 13.51 -4.22 -57.06
C LEU A 434 13.18 -5.59 -57.67
N ASN A 435 13.12 -5.69 -59.00
CA ASN A 435 12.83 -6.96 -59.67
C ASN A 435 14.12 -7.60 -60.21
N THR A 436 14.69 -8.56 -59.46
CA THR A 436 15.94 -9.18 -59.87
C THR A 436 15.94 -10.57 -60.48
N THR A 437 17.08 -10.87 -61.08
CA THR A 437 17.34 -12.11 -61.78
C THR A 437 18.86 -12.09 -61.87
N GLY A 438 19.54 -13.23 -61.71
CA GLY A 438 20.99 -13.22 -61.79
C GLY A 438 21.43 -12.91 -63.22
N PHE A 439 22.17 -11.81 -63.37
CA PHE A 439 22.67 -11.37 -64.67
C PHE A 439 24.05 -10.73 -64.47
N ALA A 440 24.20 -10.09 -63.31
CA ALA A 440 25.45 -9.45 -62.94
C ALA A 440 26.11 -10.30 -61.85
N ALA A 441 25.66 -11.55 -61.74
CA ALA A 441 26.19 -12.49 -60.76
C ALA A 441 26.23 -13.90 -61.33
N PRO A 442 27.23 -14.67 -60.87
CA PRO A 442 27.43 -16.06 -61.31
C PRO A 442 26.22 -16.95 -61.04
N ASN A 443 25.92 -17.82 -62.00
CA ASN A 443 24.79 -18.76 -61.94
C ASN A 443 24.81 -19.42 -63.51
#